data_9S1X
#
_entry.id   9S1X
#
_cell.length_a   106.750
_cell.length_b   109.650
_cell.length_c   36.010
_cell.angle_alpha   90.00
_cell.angle_beta   90.00
_cell.angle_gamma   90.00
#
_symmetry.space_group_name_H-M   'P 21 21 2'
#
loop_
_entity.id
_entity.type
_entity.pdbx_description
1 polymer 'Indoleamine 2,3-dioxygenase 1'
2 non-polymer DI(HYDROXYETHYL)ETHER
3 non-polymer '2-[4-[[(1~{R},2~{S},6~{S},8~{R})-2-[(4-ethynylphenyl)carbamoyloxymethyl]-9,9-dimethyl-4-azatricyclo[6.1.1.0^{2,6}]decan-4-yl]sulfonyl]-3-methyl-phenyl]-2-methyl-propanoic acid'
4 water water
#
_entity_poly.entity_id   1
_entity_poly.type   'polypeptide(L)'
_entity_poly.pdbx_seq_one_letter_code
;GPLGSGIQMENSWTISKEYHIDEEVGFALPNPQENLPDFYNDWMFIAKHLPDLIESGQLRERVEKLNMLSIDHLTDHKSQ
RLARLVLGCITMAYVWGKGHGDVRKVLPRNIAVPYCQLSKKLELPPILVYADCVLANWKKKDPNKPLTYENMDVLFSFRD
GDCSKGFFLVSLLVEIAAASAIKVIPTVFKAMQMQERDTLLKALLEIASCLEKALQVFHQIHDHVNPKAFFSVLRIYLSG
WKGNPQLSDGLVYEGFWEDPKEFAGGSAGQSSVFQCFDVLLGIQQTAGGGHAAQFLQDMRRYMPPAHRNFLCSLESNPSV
REFVLSKGDAGLREAYDACVKALVSLRSYHLQIVTKYILIPASQQPKENKTSEDPSKLEAKGTGGTDLMNFLKTVRSTTE
KSLL
;
_entity_poly.pdbx_strand_id   A
#
loop_
_chem_comp.id
_chem_comp.type
_chem_comp.name
_chem_comp.formula
A1JLA non-polymer '2-[4-[[(1~{R},2~{S},6~{S},8~{R})-2-[(4-ethynylphenyl)carbamoyloxymethyl]-9,9-dimethyl-4-azatricyclo[6.1.1.0^{2,6}]decan-4-yl]sulfonyl]-3-methyl-phenyl]-2-methyl-propanoic acid' 'C32 H38 N2 O6 S'
PEG non-polymer DI(HYDROXYETHYL)ETHER 'C4 H10 O3'
#
# COMPACT_ATOMS: atom_id res chain seq x y z
N LEU A 3 -1.77 26.87 -7.94
CA LEU A 3 -2.58 26.05 -6.99
C LEU A 3 -3.85 25.51 -7.67
N GLY A 4 -4.09 24.19 -7.52
CA GLY A 4 -5.30 23.57 -8.03
C GLY A 4 -5.38 23.38 -9.55
N SER A 5 -4.23 23.35 -10.24
CA SER A 5 -4.17 23.28 -11.70
C SER A 5 -3.70 21.91 -12.18
N GLY A 6 -4.00 20.86 -11.44
CA GLY A 6 -3.59 19.53 -11.80
C GLY A 6 -2.17 19.23 -11.34
N ILE A 7 -1.64 18.14 -11.89
CA ILE A 7 -0.31 17.64 -11.54
C ILE A 7 0.72 18.76 -11.66
N GLN A 8 1.46 19.00 -10.57
CA GLN A 8 2.65 19.82 -10.61
C GLN A 8 3.78 19.06 -11.30
N MET A 9 4.65 19.80 -12.00
CA MET A 9 5.76 19.22 -12.75
C MET A 9 7.07 19.73 -12.17
N GLU A 10 8.05 18.82 -12.10
CA GLU A 10 9.41 19.23 -11.81
C GLU A 10 10.04 19.94 -13.02
N ASN A 11 9.70 19.50 -14.22
CA ASN A 11 10.23 20.02 -15.46
C ASN A 11 9.28 19.58 -16.57
N SER A 12 9.72 19.71 -17.81
CA SER A 12 8.82 19.47 -18.93
C SER A 12 8.43 18.00 -19.08
N TRP A 13 9.10 17.09 -18.39
CA TRP A 13 8.95 15.65 -18.59
C TRP A 13 8.41 14.92 -17.37
N THR A 14 8.78 15.36 -16.17
CA THR A 14 8.62 14.62 -14.93
C THR A 14 7.78 15.37 -13.91
N ILE A 15 6.93 14.60 -13.18
CA ILE A 15 6.04 15.21 -12.23
C ILE A 15 6.85 15.71 -11.05
N SER A 16 6.22 16.60 -10.27
CA SER A 16 6.91 17.22 -9.15
C SER A 16 7.44 16.15 -8.21
N LYS A 17 8.66 16.38 -7.72
CA LYS A 17 9.22 15.54 -6.66
C LYS A 17 8.41 15.62 -5.38
N GLU A 18 7.63 16.70 -5.20
CA GLU A 18 6.75 16.80 -4.04
C GLU A 18 5.79 15.61 -3.93
N TYR A 19 5.56 14.88 -5.00
CA TYR A 19 4.61 13.78 -4.93
C TYR A 19 5.23 12.48 -4.44
N HIS A 20 6.56 12.42 -4.31
CA HIS A 20 7.28 11.21 -3.85
C HIS A 20 6.86 9.99 -4.64
N ILE A 21 6.80 10.15 -5.95
CA ILE A 21 6.58 9.06 -6.89
C ILE A 21 7.86 8.87 -7.69
N ASP A 22 8.42 7.68 -7.61
CA ASP A 22 9.68 7.38 -8.25
C ASP A 22 9.43 6.87 -9.67
N GLU A 23 10.25 7.34 -10.61
CA GLU A 23 10.08 6.87 -11.99
C GLU A 23 10.26 5.35 -12.11
N GLU A 24 11.12 4.75 -11.30
CA GLU A 24 11.38 3.33 -11.42
C GLU A 24 10.47 2.46 -10.55
N VAL A 25 10.13 2.86 -9.32
CA VAL A 25 9.33 2.01 -8.43
C VAL A 25 8.00 2.65 -8.04
N GLY A 26 7.67 3.83 -8.57
CA GLY A 26 6.31 4.32 -8.45
C GLY A 26 6.01 4.78 -7.04
N PHE A 27 4.85 4.33 -6.53
CA PHE A 27 4.51 4.63 -5.14
C PHE A 27 5.44 3.95 -4.15
N ALA A 28 6.20 2.95 -4.56
CA ALA A 28 7.06 2.31 -3.59
C ALA A 28 8.17 3.29 -3.23
N LEU A 29 8.80 3.05 -2.09
CA LEU A 29 9.93 3.87 -1.69
C LEU A 29 11.19 3.38 -2.39
N PRO A 30 11.93 4.24 -3.09
CA PRO A 30 13.11 3.78 -3.82
C PRO A 30 14.24 3.45 -2.85
N ASN A 31 14.97 2.38 -3.16
CA ASN A 31 16.11 1.93 -2.37
C ASN A 31 15.97 2.21 -0.89
N PRO A 32 15.05 1.51 -0.21
CA PRO A 32 14.81 1.79 1.20
C PRO A 32 16.08 1.60 2.01
N GLN A 33 16.17 2.35 3.11
CA GLN A 33 17.15 2.10 4.15
C GLN A 33 16.87 0.76 4.84
N GLU A 34 17.94 -0.03 5.05
CA GLU A 34 17.88 -1.30 5.74
CA GLU A 34 17.87 -1.30 5.75
C GLU A 34 18.32 -1.19 7.20
N ASN A 35 19.21 -0.25 7.51
CA ASN A 35 19.72 -0.09 8.86
C ASN A 35 19.56 1.33 9.36
N LEU A 36 19.14 1.41 10.61
CA LEU A 36 19.02 2.63 11.37
C LEU A 36 20.38 3.01 11.92
N PRO A 37 20.57 4.29 12.28
CA PRO A 37 21.78 4.66 13.03
C PRO A 37 22.00 3.74 14.22
N ASP A 38 23.27 3.55 14.58
CA ASP A 38 23.67 2.78 15.76
C ASP A 38 22.77 3.02 16.95
N PHE A 39 22.25 4.25 17.04
CA PHE A 39 21.53 4.68 18.23
C PHE A 39 20.26 3.88 18.44
N TYR A 40 19.69 3.32 17.38
CA TYR A 40 18.45 2.56 17.47
C TYR A 40 18.69 1.05 17.33
N ASN A 41 19.91 0.57 17.62
CA ASN A 41 20.21 -0.85 17.49
C ASN A 41 19.19 -1.72 18.24
N ASP A 42 18.78 -1.28 19.44
CA ASP A 42 17.86 -2.09 20.25
C ASP A 42 16.52 -2.28 19.56
N TRP A 43 16.06 -1.25 18.86
CA TRP A 43 14.85 -1.37 18.05
C TRP A 43 15.06 -2.38 16.95
N MET A 44 16.16 -2.25 16.21
CA MET A 44 16.40 -3.13 15.08
C MET A 44 16.45 -4.58 15.53
N PHE A 45 17.09 -4.85 16.67
CA PHE A 45 17.19 -6.22 17.17
C PHE A 45 15.83 -6.85 17.36
N ILE A 46 14.90 -6.14 17.98
CA ILE A 46 13.58 -6.71 18.24
C ILE A 46 12.87 -6.96 16.92
N ALA A 47 12.94 -6.00 16.00
CA ALA A 47 12.22 -6.13 14.74
C ALA A 47 12.77 -7.29 13.91
N LYS A 48 14.09 -7.50 13.96
CA LYS A 48 14.71 -8.57 13.20
C LYS A 48 14.44 -9.94 13.77
N HIS A 49 14.15 -10.02 15.07
CA HIS A 49 13.93 -11.28 15.75
C HIS A 49 12.46 -11.46 16.13
N LEU A 50 11.54 -10.76 15.47
CA LEU A 50 10.14 -10.90 15.83
C LEU A 50 9.65 -12.33 15.81
N PRO A 51 9.93 -13.13 14.77
CA PRO A 51 9.41 -14.51 14.75
C PRO A 51 9.80 -15.30 15.98
N ASP A 52 11.10 -15.34 16.31
CA ASP A 52 11.50 -16.14 17.46
C ASP A 52 11.15 -15.47 18.79
N LEU A 53 10.94 -14.16 18.82
CA LEU A 53 10.51 -13.54 20.08
C LEU A 53 9.02 -13.80 20.37
N ILE A 54 8.18 -13.75 19.35
CA ILE A 54 6.78 -14.12 19.55
C ILE A 54 6.66 -15.59 19.90
N GLU A 55 7.37 -16.44 19.14
CA GLU A 55 7.24 -17.89 19.30
C GLU A 55 7.68 -18.32 20.68
N SER A 56 8.72 -17.70 21.22
CA SER A 56 9.22 -18.04 22.54
C SER A 56 8.50 -17.31 23.67
N GLY A 57 7.54 -16.44 23.35
CA GLY A 57 6.87 -15.69 24.40
C GLY A 57 7.72 -14.61 25.02
N GLN A 58 8.72 -14.13 24.30
CA GLN A 58 9.72 -13.21 24.82
C GLN A 58 9.49 -11.77 24.38
N LEU A 59 8.64 -11.54 23.39
CA LEU A 59 8.59 -10.24 22.73
C LEU A 59 8.15 -9.15 23.67
N ARG A 60 7.06 -9.38 24.40
CA ARG A 60 6.49 -8.29 25.20
C ARG A 60 7.43 -7.85 26.31
N GLU A 61 8.07 -8.81 26.97
CA GLU A 61 9.02 -8.44 28.03
C GLU A 61 10.19 -7.66 27.48
N ARG A 62 10.66 -8.04 26.29
CA ARG A 62 11.80 -7.34 25.67
C ARG A 62 11.44 -5.91 25.26
N VAL A 63 10.21 -5.69 24.75
CA VAL A 63 9.73 -4.33 24.49
C VAL A 63 9.56 -3.56 25.79
N GLU A 64 9.07 -4.22 26.83
CA GLU A 64 8.85 -3.57 28.13
C GLU A 64 10.16 -3.13 28.77
N LYS A 65 11.28 -3.75 28.40
CA LYS A 65 12.59 -3.33 28.92
C LYS A 65 13.29 -2.29 28.06
N LEU A 66 12.71 -1.86 26.95
CA LEU A 66 13.39 -0.88 26.13
C LEU A 66 13.51 0.46 26.83
N ASN A 67 14.60 1.18 26.54
CA ASN A 67 14.73 2.58 26.89
C ASN A 67 14.00 3.46 25.87
N MET A 68 13.66 4.65 26.30
CA MET A 68 13.02 5.61 25.41
C MET A 68 14.09 6.23 24.52
N LEU A 69 13.96 6.06 23.22
CA LEU A 69 14.90 6.60 22.26
C LEU A 69 14.26 7.79 21.58
N SER A 70 14.96 8.90 21.55
CA SER A 70 14.46 10.05 20.82
C SER A 70 14.51 9.80 19.32
N ILE A 71 13.54 10.36 18.60
CA ILE A 71 13.50 10.29 17.14
C ILE A 71 14.36 11.38 16.50
N ASP A 72 15.11 12.13 17.31
CA ASP A 72 15.88 13.25 16.77
C ASP A 72 16.95 12.80 15.79
N HIS A 73 17.45 11.58 15.93
CA HIS A 73 18.54 11.14 15.06
C HIS A 73 18.05 10.49 13.79
N LEU A 74 16.76 10.57 13.51
CA LEU A 74 16.17 10.10 12.27
C LEU A 74 16.02 11.34 11.40
N THR A 75 17.07 11.67 10.65
CA THR A 75 17.22 12.98 10.05
C THR A 75 16.68 13.10 8.63
N ASP A 76 16.36 12.00 7.95
CA ASP A 76 15.88 12.13 6.58
C ASP A 76 14.67 11.24 6.38
N HIS A 77 14.00 11.42 5.25
CA HIS A 77 12.75 10.71 5.04
C HIS A 77 12.94 9.19 5.07
N LYS A 78 14.00 8.69 4.43
CA LYS A 78 14.21 7.24 4.38
C LYS A 78 14.42 6.66 5.77
N SER A 79 15.18 7.35 6.64
CA SER A 79 15.40 6.81 7.97
C SER A 79 14.12 6.84 8.80
N GLN A 80 13.29 7.87 8.61
CA GLN A 80 12.01 7.96 9.31
C GLN A 80 11.04 6.88 8.85
N ARG A 81 11.06 6.56 7.55
CA ARG A 81 10.19 5.51 7.03
C ARG A 81 10.63 4.12 7.54
N LEU A 82 11.96 3.90 7.64
CA LEU A 82 12.44 2.64 8.21
C LEU A 82 12.05 2.51 9.67
N ALA A 83 12.23 3.60 10.44
CA ALA A 83 11.85 3.58 11.85
C ALA A 83 10.34 3.34 12.01
N ARG A 84 9.51 3.93 11.14
CA ARG A 84 8.08 3.67 11.19
C ARG A 84 7.79 2.18 10.97
N LEU A 85 8.48 1.58 10.00
CA LEU A 85 8.29 0.17 9.71
C LEU A 85 8.70 -0.68 10.90
N VAL A 86 9.87 -0.38 11.45
CA VAL A 86 10.37 -1.11 12.62
C VAL A 86 9.38 -1.03 13.78
N LEU A 87 8.99 0.20 14.14
CA LEU A 87 8.13 0.38 15.31
C LEU A 87 6.72 -0.12 15.03
N GLY A 88 6.27 0.01 13.78
CA GLY A 88 4.98 -0.55 13.43
C GLY A 88 4.96 -2.07 13.57
N CYS A 89 6.00 -2.73 13.09
CA CYS A 89 6.02 -4.18 13.23
C CYS A 89 6.08 -4.58 14.71
N ILE A 90 6.91 -3.88 15.50
CA ILE A 90 7.01 -4.20 16.92
C ILE A 90 5.66 -4.02 17.59
N THR A 91 4.96 -2.93 17.23
CA THR A 91 3.66 -2.63 17.80
C THR A 91 2.64 -3.70 17.44
N MET A 92 2.57 -4.12 16.17
CA MET A 92 1.60 -5.17 15.84
C MET A 92 1.89 -6.44 16.62
N ALA A 93 3.19 -6.78 16.76
CA ALA A 93 3.59 -7.99 17.48
C ALA A 93 3.28 -7.87 18.96
N TYR A 94 3.42 -6.65 19.51
CA TYR A 94 3.20 -6.44 20.93
C TYR A 94 1.70 -6.55 21.25
N VAL A 95 0.87 -5.93 20.42
CA VAL A 95 -0.58 -5.95 20.65
C VAL A 95 -1.12 -7.36 20.52
N TRP A 96 -0.83 -8.02 19.40
CA TRP A 96 -1.45 -9.31 19.10
C TRP A 96 -0.73 -10.50 19.71
N GLY A 97 0.54 -10.35 20.06
CA GLY A 97 1.24 -11.49 20.63
C GLY A 97 1.26 -12.68 19.70
N LYS A 98 0.86 -13.85 20.22
CA LYS A 98 0.91 -15.09 19.44
C LYS A 98 -0.33 -15.28 18.57
N GLY A 99 -1.29 -14.38 18.66
CA GLY A 99 -2.47 -14.40 17.82
C GLY A 99 -3.61 -15.26 18.30
N HIS A 100 -3.60 -15.69 19.56
CA HIS A 100 -4.63 -16.57 20.07
C HIS A 100 -5.61 -15.89 21.01
N GLY A 101 -5.56 -14.56 21.11
CA GLY A 101 -6.52 -13.83 21.93
C GLY A 101 -5.95 -13.20 23.17
N ASP A 102 -4.71 -13.49 23.53
CA ASP A 102 -4.01 -12.83 24.63
C ASP A 102 -3.44 -11.51 24.09
N VAL A 103 -4.27 -10.45 24.13
CA VAL A 103 -3.91 -9.17 23.51
C VAL A 103 -3.49 -8.18 24.58
N ARG A 104 -2.66 -7.21 24.21
CA ARG A 104 -2.29 -6.11 25.09
C ARG A 104 -3.02 -4.85 24.65
N LYS A 105 -3.63 -4.16 25.61
CA LYS A 105 -4.43 -2.97 25.31
C LYS A 105 -3.69 -1.67 25.59
N VAL A 106 -2.45 -1.75 26.04
CA VAL A 106 -1.64 -0.58 26.37
C VAL A 106 -0.30 -0.79 25.70
N LEU A 107 0.03 0.06 24.75
CA LEU A 107 1.35 0.08 24.17
C LEU A 107 2.28 0.85 25.10
N PRO A 108 3.39 0.23 25.57
CA PRO A 108 4.29 0.91 26.52
C PRO A 108 4.89 2.18 25.94
N ARG A 109 5.12 3.17 26.82
CA ARG A 109 5.46 4.51 26.35
C ARG A 109 6.79 4.55 25.59
N ASN A 110 7.71 3.63 25.90
CA ASN A 110 9.01 3.67 25.22
C ASN A 110 8.93 3.23 23.76
N ILE A 111 7.83 2.64 23.33
CA ILE A 111 7.49 2.51 21.91
C ILE A 111 6.49 3.57 21.49
N ALA A 112 5.43 3.75 22.30
CA ALA A 112 4.28 4.56 21.88
C ALA A 112 4.68 5.99 21.55
N VAL A 113 5.50 6.60 22.39
CA VAL A 113 5.82 8.03 22.20
C VAL A 113 6.64 8.25 20.93
N PRO A 114 7.80 7.63 20.74
CA PRO A 114 8.53 7.87 19.47
C PRO A 114 7.75 7.43 18.25
N TYR A 115 7.06 6.32 18.33
CA TYR A 115 6.20 5.91 17.23
C TYR A 115 5.18 6.98 16.90
N CYS A 116 4.45 7.47 17.91
CA CYS A 116 3.42 8.49 17.67
C CYS A 116 4.01 9.81 17.18
N GLN A 117 5.17 10.21 17.71
CA GLN A 117 5.84 11.42 17.23
C GLN A 117 6.28 11.27 15.79
N LEU A 118 6.85 10.13 15.45
CA LEU A 118 7.29 9.90 14.08
C LEU A 118 6.11 9.87 13.11
N SER A 119 5.01 9.22 13.54
CA SER A 119 3.80 9.18 12.71
C SER A 119 3.24 10.58 12.47
N LYS A 120 3.27 11.42 13.50
CA LYS A 120 2.86 12.81 13.34
C LYS A 120 3.72 13.54 12.32
N LYS A 121 5.05 13.34 12.34
CA LYS A 121 5.88 14.01 11.35
C LYS A 121 5.50 13.62 9.93
N LEU A 122 5.26 12.33 9.71
CA LEU A 122 4.99 11.77 8.41
C LEU A 122 3.52 11.86 8.01
N GLU A 123 2.68 12.33 8.93
CA GLU A 123 1.24 12.43 8.72
C GLU A 123 0.65 11.06 8.38
N LEU A 124 1.06 10.05 9.12
CA LEU A 124 0.50 8.72 9.00
C LEU A 124 -0.02 8.28 10.35
N PRO A 125 -1.08 7.47 10.41
CA PRO A 125 -1.58 7.04 11.71
C PRO A 125 -0.58 6.12 12.37
N PRO A 126 -0.61 6.01 13.69
CA PRO A 126 0.34 5.16 14.44
C PRO A 126 -0.12 3.71 14.48
N ILE A 127 -0.22 3.11 13.28
CA ILE A 127 -0.45 1.67 13.11
C ILE A 127 0.27 1.30 11.81
N LEU A 128 0.61 0.03 11.67
CA LEU A 128 1.27 -0.42 10.44
C LEU A 128 0.31 -0.19 9.26
N VAL A 129 0.83 0.39 8.17
CA VAL A 129 0.06 0.55 6.93
C VAL A 129 0.86 0.02 5.74
N TYR A 130 0.19 0.03 4.57
CA TYR A 130 0.79 -0.51 3.33
C TYR A 130 2.13 0.13 3.04
N ALA A 131 2.18 1.43 3.21
CA ALA A 131 3.40 2.19 2.98
C ALA A 131 4.57 1.69 3.82
N ASP A 132 4.29 1.07 4.97
CA ASP A 132 5.37 0.48 5.77
C ASP A 132 5.69 -0.95 5.33
N CYS A 133 4.71 -1.86 5.45
CA CYS A 133 5.04 -3.27 5.33
C CYS A 133 5.19 -3.74 3.89
N VAL A 134 4.78 -2.96 2.90
CA VAL A 134 5.08 -3.26 1.50
C VAL A 134 6.03 -2.22 0.89
N LEU A 135 5.66 -0.93 0.95
CA LEU A 135 6.36 0.06 0.10
C LEU A 135 7.78 0.37 0.57
N ALA A 136 8.05 0.28 1.87
CA ALA A 136 9.38 0.50 2.42
C ALA A 136 10.06 -0.75 2.94
N ASN A 137 9.45 -1.92 2.80
CA ASN A 137 9.87 -3.13 3.51
C ASN A 137 10.59 -4.08 2.55
N TRP A 138 11.69 -3.59 1.95
CA TRP A 138 12.38 -4.40 0.94
C TRP A 138 13.81 -3.96 0.68
N LYS A 139 14.56 -4.87 0.05
CA LYS A 139 15.92 -4.65 -0.42
C LYS A 139 16.18 -5.54 -1.64
N LYS A 140 17.19 -5.17 -2.40
CA LYS A 140 17.80 -6.08 -3.35
C LYS A 140 18.83 -6.94 -2.65
N LYS A 141 18.90 -8.22 -3.04
CA LYS A 141 20.01 -9.05 -2.57
C LYS A 141 21.32 -8.63 -3.21
N ASP A 142 21.29 -8.32 -4.50
CA ASP A 142 22.45 -7.88 -5.28
C ASP A 142 22.11 -6.54 -5.93
N PRO A 143 22.75 -5.45 -5.51
CA PRO A 143 22.43 -4.14 -6.12
C PRO A 143 22.51 -4.10 -7.62
N ASN A 144 23.47 -4.81 -8.22
CA ASN A 144 23.67 -4.76 -9.65
C ASN A 144 22.71 -5.62 -10.47
N LYS A 145 21.80 -6.34 -9.84
CA LYS A 145 20.80 -7.14 -10.54
C LYS A 145 19.43 -6.47 -10.47
N PRO A 146 18.51 -6.84 -11.35
CA PRO A 146 17.24 -6.10 -11.46
C PRO A 146 16.27 -6.44 -10.32
N LEU A 147 15.19 -5.64 -10.27
CA LEU A 147 14.09 -5.83 -9.33
C LEU A 147 13.22 -6.99 -9.79
N THR A 148 13.57 -8.18 -9.30
CA THR A 148 12.83 -9.42 -9.53
C THR A 148 12.66 -10.13 -8.19
N TYR A 149 11.71 -11.06 -8.14
CA TYR A 149 11.47 -11.78 -6.89
C TYR A 149 12.74 -12.46 -6.38
N GLU A 150 13.49 -13.10 -7.28
CA GLU A 150 14.66 -13.85 -6.88
C GLU A 150 15.77 -12.96 -6.35
N ASN A 151 15.78 -11.68 -6.73
CA ASN A 151 16.83 -10.78 -6.29
C ASN A 151 16.38 -9.85 -5.20
N MET A 152 15.30 -10.19 -4.50
CA MET A 152 14.76 -9.27 -3.51
C MET A 152 14.40 -10.01 -2.23
N ASP A 153 14.31 -9.25 -1.15
CA ASP A 153 13.87 -9.76 0.15
C ASP A 153 13.09 -8.65 0.84
N VAL A 154 12.26 -9.03 1.81
CA VAL A 154 11.65 -8.05 2.69
C VAL A 154 12.68 -7.82 3.79
N LEU A 155 12.44 -6.82 4.62
CA LEU A 155 13.30 -6.52 5.77
C LEU A 155 12.78 -7.21 7.02
N PHE A 156 11.46 -7.20 7.24
CA PHE A 156 10.87 -7.74 8.46
C PHE A 156 9.69 -8.67 8.16
N SER A 157 9.59 -9.75 8.95
CA SER A 157 8.46 -10.68 9.00
C SER A 157 7.97 -10.78 10.43
N PHE A 158 6.79 -11.38 10.61
CA PHE A 158 6.17 -11.53 11.93
C PHE A 158 6.39 -12.91 12.52
N ARG A 159 6.03 -13.95 11.79
CA ARG A 159 6.21 -15.34 12.23
C ARG A 159 6.86 -16.11 11.09
N ASP A 160 7.76 -17.04 11.43
CA ASP A 160 8.30 -17.94 10.43
C ASP A 160 7.18 -18.77 9.83
N GLY A 161 7.09 -18.78 8.51
CA GLY A 161 6.02 -19.44 7.84
C GLY A 161 4.81 -18.57 7.60
N ASP A 162 4.88 -17.27 7.93
CA ASP A 162 3.69 -16.45 7.75
C ASP A 162 3.51 -16.02 6.30
N CYS A 163 4.49 -16.33 5.42
CA CYS A 163 4.46 -15.98 4.02
C CYS A 163 4.51 -14.47 3.79
N SER A 164 5.03 -13.72 4.74
CA SER A 164 5.05 -12.27 4.56
C SER A 164 5.98 -11.88 3.41
N LYS A 165 7.04 -12.64 3.16
CA LYS A 165 7.92 -12.33 2.03
C LYS A 165 7.15 -12.41 0.72
N GLY A 166 6.47 -13.55 0.52
CA GLY A 166 5.68 -13.74 -0.67
C GLY A 166 4.63 -12.68 -0.85
N PHE A 167 3.85 -12.41 0.20
CA PHE A 167 2.73 -11.49 0.12
C PHE A 167 3.22 -10.08 -0.14
N PHE A 168 4.23 -9.65 0.61
CA PHE A 168 4.69 -8.27 0.50
C PHE A 168 5.48 -8.03 -0.78
N LEU A 169 6.38 -8.97 -1.16
CA LEU A 169 7.20 -8.75 -2.36
C LEU A 169 6.36 -8.82 -3.63
N VAL A 170 5.47 -9.81 -3.73
CA VAL A 170 4.58 -9.85 -4.89
C VAL A 170 3.78 -8.55 -4.97
N SER A 171 3.31 -8.05 -3.83
CA SER A 171 2.57 -6.79 -3.84
C SER A 171 3.46 -5.66 -4.32
N LEU A 172 4.66 -5.57 -3.76
CA LEU A 172 5.61 -4.56 -4.19
C LEU A 172 5.89 -4.65 -5.68
N LEU A 173 6.04 -5.87 -6.21
CA LEU A 173 6.38 -6.04 -7.63
C LEU A 173 5.24 -5.59 -8.53
N VAL A 174 4.00 -5.75 -8.07
CA VAL A 174 2.88 -5.16 -8.80
C VAL A 174 2.98 -3.64 -8.81
N GLU A 175 3.31 -3.04 -7.67
CA GLU A 175 3.51 -1.59 -7.60
C GLU A 175 4.62 -1.14 -8.54
N ILE A 176 5.71 -1.90 -8.61
CA ILE A 176 6.82 -1.56 -9.51
C ILE A 176 6.39 -1.71 -10.96
N ALA A 177 5.63 -2.76 -11.28
CA ALA A 177 5.13 -2.88 -12.64
C ALA A 177 4.25 -1.69 -12.97
N ALA A 178 3.39 -1.29 -12.04
CA ALA A 178 2.51 -0.14 -12.32
C ALA A 178 3.31 1.15 -12.49
N ALA A 179 4.52 1.24 -11.93
CA ALA A 179 5.30 2.46 -12.09
C ALA A 179 5.58 2.78 -13.55
N SER A 180 5.75 1.76 -14.39
CA SER A 180 6.00 2.01 -15.80
C SER A 180 4.79 2.67 -16.44
N ALA A 181 3.58 2.45 -15.89
CA ALA A 181 2.39 3.15 -16.35
C ALA A 181 2.32 4.56 -15.79
N ILE A 182 2.59 4.71 -14.49
CA ILE A 182 2.47 6.02 -13.84
C ILE A 182 3.38 7.07 -14.50
N LYS A 183 4.57 6.66 -14.90
CA LYS A 183 5.50 7.66 -15.46
C LYS A 183 5.04 8.19 -16.82
N VAL A 184 4.05 7.54 -17.43
CA VAL A 184 3.51 8.00 -18.70
C VAL A 184 2.43 9.05 -18.50
N ILE A 185 1.93 9.24 -17.28
CA ILE A 185 0.75 10.09 -17.12
C ILE A 185 0.99 11.51 -17.61
N PRO A 186 2.11 12.18 -17.27
CA PRO A 186 2.32 13.52 -17.84
C PRO A 186 2.25 13.54 -19.36
N THR A 187 2.71 12.47 -20.04
CA THR A 187 2.64 12.44 -21.50
C THR A 187 1.18 12.45 -21.98
N VAL A 188 0.29 11.76 -21.25
CA VAL A 188 -1.12 11.72 -21.62
C VAL A 188 -1.68 13.14 -21.66
N PHE A 189 -1.45 13.91 -20.58
CA PHE A 189 -2.07 15.23 -20.49
C PHE A 189 -1.38 16.24 -21.40
N LYS A 190 -0.07 16.11 -21.59
CA LYS A 190 0.62 16.92 -22.58
C LYS A 190 0.05 16.65 -23.98
N ALA A 191 -0.19 15.39 -24.32
CA ALA A 191 -0.73 15.10 -25.65
C ALA A 191 -2.12 15.71 -25.82
N MET A 192 -2.93 15.73 -24.76
CA MET A 192 -4.25 16.38 -24.86
C MET A 192 -4.11 17.88 -25.08
N GLN A 193 -3.25 18.56 -24.30
CA GLN A 193 -3.06 20.00 -24.50
C GLN A 193 -2.58 20.34 -25.91
N MET A 194 -1.69 19.51 -26.47
CA MET A 194 -1.10 19.75 -27.79
C MET A 194 -1.92 19.19 -28.94
N GLN A 195 -3.00 18.46 -28.64
CA GLN A 195 -3.77 17.73 -29.65
C GLN A 195 -2.87 16.83 -30.49
N GLU A 196 -2.02 16.07 -29.82
CA GLU A 196 -1.12 15.13 -30.49
C GLU A 196 -1.76 13.76 -30.40
N ARG A 197 -2.54 13.43 -31.44
CA ARG A 197 -3.28 12.19 -31.46
C ARG A 197 -2.38 10.98 -31.27
N ASP A 198 -1.29 10.89 -32.04
CA ASP A 198 -0.44 9.70 -31.96
C ASP A 198 0.23 9.60 -30.59
N THR A 199 0.72 10.72 -30.06
CA THR A 199 1.36 10.68 -28.76
C THR A 199 0.39 10.19 -27.69
N LEU A 200 -0.86 10.67 -27.71
CA LEU A 200 -1.84 10.20 -26.73
C LEU A 200 -2.10 8.72 -26.90
N LEU A 201 -2.26 8.28 -28.15
CA LEU A 201 -2.55 6.87 -28.42
C LEU A 201 -1.47 5.97 -27.84
N LYS A 202 -0.22 6.23 -28.21
CA LYS A 202 0.88 5.39 -27.77
C LYS A 202 1.02 5.42 -26.26
N ALA A 203 0.74 6.57 -25.65
CA ALA A 203 0.79 6.69 -24.21
C ALA A 203 -0.23 5.80 -23.56
N LEU A 204 -1.45 5.76 -24.11
CA LEU A 204 -2.48 4.89 -23.54
C LEU A 204 -2.18 3.42 -23.78
N LEU A 205 -1.59 3.08 -24.95
CA LEU A 205 -1.16 1.70 -25.20
C LEU A 205 -0.07 1.28 -24.24
N GLU A 206 0.87 2.19 -23.96
CA GLU A 206 1.93 1.87 -23.01
C GLU A 206 1.35 1.66 -21.61
N ILE A 207 0.44 2.54 -21.17
CA ILE A 207 -0.21 2.33 -19.86
C ILE A 207 -0.93 1.00 -19.82
N ALA A 208 -1.72 0.71 -20.86
CA ALA A 208 -2.45 -0.56 -20.93
C ALA A 208 -1.48 -1.74 -20.86
N SER A 209 -0.39 -1.68 -21.61
CA SER A 209 0.61 -2.74 -21.57
C SER A 209 1.21 -2.91 -20.18
N CYS A 210 1.46 -1.82 -19.46
CA CYS A 210 2.09 -1.97 -18.15
C CYS A 210 1.10 -2.51 -17.13
N LEU A 211 -0.20 -2.18 -17.25
CA LEU A 211 -1.20 -2.74 -16.35
C LEU A 211 -1.48 -4.21 -16.63
N GLU A 212 -1.40 -4.63 -17.90
CA GLU A 212 -1.41 -6.06 -18.23
C GLU A 212 -0.25 -6.77 -17.55
N LYS A 213 0.95 -6.21 -17.64
CA LYS A 213 2.11 -6.81 -16.99
C LYS A 213 1.96 -6.85 -15.49
N ALA A 214 1.42 -5.78 -14.89
CA ALA A 214 1.22 -5.77 -13.45
C ALA A 214 0.30 -6.91 -13.02
N LEU A 215 -0.71 -7.22 -13.82
CA LEU A 215 -1.56 -8.34 -13.47
C LEU A 215 -0.81 -9.68 -13.57
N GLN A 216 0.11 -9.82 -14.54
CA GLN A 216 0.86 -11.07 -14.63
C GLN A 216 1.81 -11.20 -13.43
N VAL A 217 2.30 -10.09 -12.89
CA VAL A 217 3.07 -10.14 -11.64
C VAL A 217 2.20 -10.60 -10.49
N PHE A 218 0.95 -10.15 -10.46
CA PHE A 218 0.02 -10.52 -9.39
C PHE A 218 -0.21 -12.03 -9.38
N HIS A 219 -0.22 -12.68 -10.55
CA HIS A 219 -0.40 -14.13 -10.59
C HIS A 219 0.63 -14.86 -9.74
N GLN A 220 1.76 -14.23 -9.42
CA GLN A 220 2.82 -14.91 -8.70
C GLN A 220 2.47 -15.18 -7.24
N ILE A 221 1.42 -14.51 -6.72
CA ILE A 221 1.04 -14.67 -5.32
C ILE A 221 0.82 -16.14 -4.98
N HIS A 222 0.14 -16.89 -5.86
CA HIS A 222 -0.15 -18.29 -5.56
C HIS A 222 1.12 -19.09 -5.30
N ASP A 223 2.27 -18.67 -5.84
CA ASP A 223 3.48 -19.46 -5.77
C ASP A 223 4.29 -19.19 -4.51
N HIS A 224 3.94 -18.13 -3.76
CA HIS A 224 4.72 -17.72 -2.61
C HIS A 224 3.88 -17.48 -1.35
N VAL A 225 2.57 -17.69 -1.42
CA VAL A 225 1.71 -17.47 -0.26
C VAL A 225 0.76 -18.65 -0.15
N ASN A 226 0.84 -19.35 0.97
CA ASN A 226 -0.07 -20.44 1.32
C ASN A 226 -1.34 -19.82 1.88
N PRO A 227 -2.53 -20.15 1.35
CA PRO A 227 -3.77 -19.54 1.88
C PRO A 227 -4.01 -19.71 3.37
N LYS A 228 -3.78 -20.91 3.89
CA LYS A 228 -3.98 -21.14 5.32
C LYS A 228 -3.03 -20.28 6.16
N ALA A 229 -1.76 -20.24 5.78
CA ALA A 229 -0.81 -19.46 6.58
C ALA A 229 -1.14 -17.98 6.51
N PHE A 230 -1.58 -17.51 5.36
CA PHE A 230 -1.93 -16.11 5.24
C PHE A 230 -3.10 -15.77 6.16
N PHE A 231 -4.18 -16.53 6.04
CA PHE A 231 -5.41 -16.18 6.72
C PHE A 231 -5.27 -16.34 8.22
N SER A 232 -4.75 -17.48 8.67
CA SER A 232 -4.72 -17.80 10.09
C SER A 232 -3.49 -17.25 10.79
N VAL A 233 -2.48 -16.76 10.05
CA VAL A 233 -1.28 -16.23 10.71
C VAL A 233 -0.95 -14.80 10.33
N LEU A 234 -0.61 -14.54 9.05
CA LEU A 234 -0.17 -13.19 8.68
C LEU A 234 -1.26 -12.14 8.94
N ARG A 235 -2.51 -12.46 8.59
CA ARG A 235 -3.59 -11.48 8.69
C ARG A 235 -3.81 -10.98 10.11
N ILE A 236 -3.51 -11.81 11.12
CA ILE A 236 -3.55 -11.37 12.51
C ILE A 236 -2.71 -10.09 12.66
N TYR A 237 -1.48 -10.11 12.17
CA TYR A 237 -0.56 -9.01 12.42
C TYR A 237 -0.85 -7.78 11.59
N LEU A 238 -1.75 -7.89 10.62
CA LEU A 238 -2.21 -6.77 9.81
C LEU A 238 -3.58 -6.29 10.26
N SER A 239 -4.09 -6.84 11.35
CA SER A 239 -5.36 -6.43 11.95
C SER A 239 -5.18 -5.24 12.85
N GLY A 240 -6.21 -4.40 12.93
CA GLY A 240 -6.15 -3.19 13.70
C GLY A 240 -7.15 -3.10 14.83
N TRP A 241 -7.35 -1.90 15.34
CA TRP A 241 -8.19 -1.71 16.52
C TRP A 241 -9.20 -0.62 16.22
N LYS A 242 -9.91 -0.79 15.12
CA LYS A 242 -11.01 0.10 14.77
C LYS A 242 -12.20 -0.78 14.43
N GLY A 243 -13.24 -0.74 15.25
CA GLY A 243 -14.33 -1.68 15.08
C GLY A 243 -13.97 -3.11 15.45
N ASN A 244 -12.93 -3.30 16.28
CA ASN A 244 -12.48 -4.63 16.61
C ASN A 244 -12.96 -5.02 18.00
N PRO A 245 -13.79 -6.04 18.12
CA PRO A 245 -14.33 -6.39 19.46
C PRO A 245 -13.25 -6.82 20.44
N GLN A 246 -12.06 -7.20 19.97
CA GLN A 246 -10.99 -7.54 20.91
C GLN A 246 -10.33 -6.31 21.54
N LEU A 247 -10.44 -5.14 20.88
CA LEU A 247 -9.98 -3.86 21.40
C LEU A 247 -11.08 -2.83 21.12
N SER A 248 -12.25 -3.01 21.74
CA SER A 248 -13.43 -2.30 21.27
C SER A 248 -13.32 -0.79 21.39
N ASP A 249 -12.42 -0.27 22.26
CA ASP A 249 -12.20 1.16 22.38
C ASP A 249 -10.90 1.62 21.73
N GLY A 250 -10.12 0.70 21.17
CA GLY A 250 -8.84 1.07 20.64
C GLY A 250 -7.70 0.73 21.58
N LEU A 251 -6.55 1.29 21.24
CA LEU A 251 -5.30 1.03 21.94
C LEU A 251 -4.85 2.28 22.68
N VAL A 252 -4.33 2.07 23.88
CA VAL A 252 -3.78 3.19 24.63
C VAL A 252 -2.33 3.33 24.21
N TYR A 253 -2.00 4.48 23.63
CA TYR A 253 -0.62 4.84 23.36
C TYR A 253 -0.09 5.51 24.60
N GLU A 254 0.56 4.72 25.46
CA GLU A 254 0.95 5.22 26.77
C GLU A 254 1.92 6.39 26.62
N GLY A 255 1.65 7.46 27.33
CA GLY A 255 2.50 8.62 27.27
C GLY A 255 2.24 9.54 26.10
N PHE A 256 1.33 9.19 25.19
CA PHE A 256 0.99 10.10 24.09
C PHE A 256 -0.44 10.61 24.23
N TRP A 257 -1.43 9.73 24.23
CA TRP A 257 -2.78 10.10 24.57
C TRP A 257 -3.23 9.39 25.83
N GLU A 258 -4.04 10.11 26.60
CA GLU A 258 -4.70 9.59 27.79
C GLU A 258 -5.76 8.55 27.44
N ASP A 259 -6.60 8.82 26.38
CA ASP A 259 -7.66 7.87 26.06
C ASP A 259 -7.23 6.87 24.99
N PRO A 260 -7.83 5.67 24.97
CA PRO A 260 -7.56 4.74 23.87
C PRO A 260 -7.99 5.35 22.54
N LYS A 261 -7.30 4.95 21.46
CA LYS A 261 -7.60 5.46 20.13
C LYS A 261 -7.74 4.32 19.12
N GLU A 262 -8.69 4.48 18.20
CA GLU A 262 -8.92 3.51 17.15
C GLU A 262 -8.18 3.88 15.89
N PHE A 263 -7.43 2.93 15.36
CA PHE A 263 -6.88 3.00 14.01
C PHE A 263 -7.12 1.68 13.31
N ALA A 264 -7.40 1.76 12.00
CA ALA A 264 -7.81 0.61 11.21
C ALA A 264 -6.60 -0.22 10.76
N GLY A 265 -6.85 -1.52 10.60
CA GLY A 265 -5.88 -2.46 10.07
C GLY A 265 -5.70 -2.33 8.56
N GLY A 266 -4.93 -3.26 8.00
CA GLY A 266 -4.61 -3.18 6.58
C GLY A 266 -5.84 -3.29 5.72
N SER A 267 -5.79 -2.66 4.55
CA SER A 267 -6.83 -2.80 3.55
C SER A 267 -6.18 -2.69 2.17
N ALA A 268 -6.69 -3.47 1.22
CA ALA A 268 -6.27 -3.29 -0.17
C ALA A 268 -6.53 -1.86 -0.63
N GLY A 269 -7.45 -1.14 0.05
CA GLY A 269 -7.69 0.25 -0.20
C GLY A 269 -6.56 1.19 0.15
N GLN A 270 -5.47 0.72 0.72
CA GLN A 270 -4.36 1.62 1.01
C GLN A 270 -3.37 1.71 -0.16
N SER A 271 -3.43 0.79 -1.12
CA SER A 271 -2.64 0.92 -2.34
C SER A 271 -3.22 2.04 -3.20
N SER A 272 -2.34 2.89 -3.75
CA SER A 272 -2.78 4.01 -4.56
C SER A 272 -3.03 3.63 -6.01
N VAL A 273 -2.68 2.41 -6.40
CA VAL A 273 -2.64 2.08 -7.83
C VAL A 273 -4.02 2.10 -8.44
N PHE A 274 -5.00 1.43 -7.77
CA PHE A 274 -6.34 1.33 -8.35
C PHE A 274 -6.96 2.70 -8.54
N GLN A 275 -6.91 3.54 -7.51
CA GLN A 275 -7.57 4.84 -7.62
C GLN A 275 -6.82 5.74 -8.60
N CYS A 276 -5.49 5.64 -8.64
CA CYS A 276 -4.72 6.41 -9.64
C CYS A 276 -5.28 6.21 -11.05
N PHE A 277 -5.41 4.95 -11.48
CA PHE A 277 -5.87 4.74 -12.85
C PHE A 277 -7.38 4.85 -12.98
N ASP A 278 -8.17 4.55 -11.94
CA ASP A 278 -9.59 4.90 -12.02
C ASP A 278 -9.77 6.39 -12.26
N VAL A 279 -8.99 7.22 -11.57
CA VAL A 279 -9.15 8.66 -11.73
C VAL A 279 -8.69 9.08 -13.13
N LEU A 280 -7.48 8.66 -13.53
CA LEU A 280 -6.96 8.96 -14.86
C LEU A 280 -8.02 8.74 -15.93
N LEU A 281 -8.61 7.56 -15.92
CA LEU A 281 -9.55 7.13 -16.94
C LEU A 281 -10.96 7.55 -16.65
N GLY A 282 -11.21 8.24 -15.55
CA GLY A 282 -12.54 8.75 -15.28
C GLY A 282 -13.53 7.73 -14.79
N ILE A 283 -13.08 6.62 -14.21
CA ILE A 283 -14.01 5.66 -13.63
C ILE A 283 -14.36 6.10 -12.22
N GLN A 284 -15.65 6.19 -11.94
CA GLN A 284 -16.17 6.59 -10.63
C GLN A 284 -16.78 5.36 -9.96
N GLN A 285 -16.13 4.87 -8.91
CA GLN A 285 -16.63 3.69 -8.21
C GLN A 285 -17.85 4.05 -7.37
N THR A 286 -18.87 3.18 -7.41
CA THR A 286 -20.10 3.40 -6.68
C THR A 286 -20.37 2.31 -5.64
N ALA A 287 -19.62 1.21 -5.68
CA ALA A 287 -19.90 0.03 -4.86
C ALA A 287 -19.91 0.35 -3.37
N GLY A 288 -21.01 -0.02 -2.70
CA GLY A 288 -21.12 0.07 -1.26
C GLY A 288 -21.63 1.39 -0.73
N GLY A 289 -22.03 2.32 -1.60
CA GLY A 289 -22.60 3.59 -1.18
C GLY A 289 -21.66 4.48 -0.38
N GLY A 290 -22.27 5.47 0.29
CA GLY A 290 -21.50 6.34 1.16
C GLY A 290 -20.67 5.61 2.20
N HIS A 291 -21.14 4.44 2.65
CA HIS A 291 -20.40 3.66 3.66
C HIS A 291 -19.08 3.15 3.10
N ALA A 292 -19.08 2.62 1.86
CA ALA A 292 -17.82 2.20 1.24
C ALA A 292 -16.96 3.41 0.85
N ALA A 293 -17.58 4.50 0.38
CA ALA A 293 -16.83 5.72 0.06
C ALA A 293 -16.12 6.27 1.30
N GLN A 294 -16.79 6.26 2.46
CA GLN A 294 -16.17 6.77 3.68
C GLN A 294 -15.04 5.87 4.15
N PHE A 295 -15.24 4.56 4.06
CA PHE A 295 -14.18 3.62 4.40
C PHE A 295 -12.96 3.84 3.49
N LEU A 296 -13.21 3.97 2.18
CA LEU A 296 -12.11 4.04 1.21
C LEU A 296 -11.40 5.39 1.28
N GLN A 297 -12.16 6.48 1.50
CA GLN A 297 -11.51 7.77 1.79
C GLN A 297 -10.67 7.70 3.05
N ASP A 298 -11.17 7.04 4.11
CA ASP A 298 -10.33 6.87 5.30
C ASP A 298 -9.05 6.09 4.96
N MET A 299 -9.15 5.07 4.10
CA MET A 299 -7.92 4.34 3.75
C MET A 299 -6.99 5.22 2.91
N ARG A 300 -7.55 6.20 2.22
CA ARG A 300 -6.73 7.15 1.50
C ARG A 300 -5.89 7.97 2.47
N ARG A 301 -6.45 8.32 3.63
CA ARG A 301 -5.69 8.98 4.70
C ARG A 301 -4.63 8.07 5.33
N TYR A 302 -4.63 6.78 5.03
CA TYR A 302 -3.58 5.90 5.46
C TYR A 302 -2.49 5.74 4.40
N MET A 303 -2.66 6.38 3.24
CA MET A 303 -1.58 6.49 2.31
C MET A 303 -0.67 7.66 2.67
N PRO A 304 0.59 7.60 2.28
CA PRO A 304 1.48 8.78 2.42
C PRO A 304 0.79 10.03 1.91
N PRO A 305 0.92 11.16 2.64
CA PRO A 305 0.17 12.37 2.26
C PRO A 305 0.50 12.86 0.87
N ALA A 306 1.77 12.74 0.43
CA ALA A 306 2.13 13.20 -0.91
C ALA A 306 1.43 12.41 -2.00
N HIS A 307 1.16 11.11 -1.75
CA HIS A 307 0.41 10.29 -2.70
C HIS A 307 -1.07 10.65 -2.73
N ARG A 308 -1.64 11.02 -1.57
CA ARG A 308 -2.96 11.63 -1.56
C ARG A 308 -2.99 12.87 -2.44
N ASN A 309 -2.00 13.73 -2.30
CA ASN A 309 -1.99 14.98 -3.05
C ASN A 309 -1.87 14.70 -4.54
N PHE A 310 -1.08 13.68 -4.92
CA PHE A 310 -1.02 13.28 -6.32
C PHE A 310 -2.38 12.85 -6.82
N LEU A 311 -3.05 11.97 -6.10
CA LEU A 311 -4.38 11.51 -6.52
C LEU A 311 -5.34 12.67 -6.63
N CYS A 312 -5.30 13.59 -5.69
CA CYS A 312 -6.22 14.75 -5.73
C CYS A 312 -5.90 15.69 -6.90
N SER A 313 -4.61 15.92 -7.21
CA SER A 313 -4.26 16.72 -8.38
C SER A 313 -4.71 16.05 -9.69
N LEU A 314 -4.57 14.72 -9.76
CA LEU A 314 -5.05 13.98 -10.92
C LEU A 314 -6.51 14.28 -11.20
N GLU A 315 -7.34 14.28 -10.15
CA GLU A 315 -8.76 14.51 -10.33
C GLU A 315 -9.04 15.92 -10.84
N SER A 316 -8.07 16.83 -10.72
CA SER A 316 -8.27 18.19 -11.22
C SER A 316 -7.85 18.35 -12.66
N ASN A 317 -7.11 17.40 -13.23
CA ASN A 317 -6.65 17.57 -14.58
C ASN A 317 -7.83 17.44 -15.53
N PRO A 318 -7.67 17.86 -16.78
CA PRO A 318 -8.66 17.56 -17.81
C PRO A 318 -8.93 16.05 -17.87
N SER A 319 -10.15 15.71 -18.30
CA SER A 319 -10.61 14.33 -18.37
C SER A 319 -10.13 13.66 -19.66
N VAL A 320 -9.32 12.61 -19.50
CA VAL A 320 -8.94 11.76 -20.63
C VAL A 320 -10.18 11.19 -21.32
N ARG A 321 -11.08 10.65 -20.52
CA ARG A 321 -12.25 9.99 -21.06
C ARG A 321 -13.07 10.96 -21.91
N GLU A 322 -13.27 12.19 -21.39
CA GLU A 322 -14.02 13.20 -22.14
C GLU A 322 -13.30 13.57 -23.45
N PHE A 323 -11.96 13.63 -23.41
CA PHE A 323 -11.18 13.91 -24.63
C PHE A 323 -11.40 12.82 -25.68
N VAL A 324 -11.24 11.55 -25.30
CA VAL A 324 -11.45 10.46 -26.24
C VAL A 324 -12.88 10.43 -26.75
N LEU A 325 -13.85 10.82 -25.90
CA LEU A 325 -15.26 10.90 -26.28
C LEU A 325 -15.60 12.05 -27.23
N SER A 326 -14.71 13.02 -27.40
CA SER A 326 -14.95 14.14 -28.29
C SER A 326 -14.48 13.89 -29.72
N LYS A 327 -14.17 12.64 -30.08
CA LYS A 327 -13.56 12.36 -31.36
C LYS A 327 -14.07 11.06 -31.95
N GLY A 328 -14.29 11.07 -33.27
CA GLY A 328 -14.55 9.85 -34.01
C GLY A 328 -13.24 9.18 -34.37
N ASP A 329 -12.57 8.67 -33.33
CA ASP A 329 -11.23 8.14 -33.44
C ASP A 329 -11.16 6.79 -32.77
N ALA A 330 -11.08 5.75 -33.61
CA ALA A 330 -11.12 4.37 -33.15
C ALA A 330 -9.83 3.95 -32.47
N GLY A 331 -8.71 4.52 -32.91
CA GLY A 331 -7.44 4.23 -32.27
C GLY A 331 -7.42 4.70 -30.83
N LEU A 332 -7.89 5.92 -30.60
CA LEU A 332 -7.97 6.44 -29.22
C LEU A 332 -8.97 5.64 -28.39
N ARG A 333 -10.14 5.31 -28.95
CA ARG A 333 -11.13 4.56 -28.20
C ARG A 333 -10.59 3.20 -27.79
N GLU A 334 -9.92 2.50 -28.73
CA GLU A 334 -9.37 1.18 -28.47
C GLU A 334 -8.24 1.23 -27.47
N ALA A 335 -7.41 2.26 -27.53
CA ALA A 335 -6.34 2.40 -26.54
C ALA A 335 -6.92 2.72 -25.15
N TYR A 336 -7.85 3.66 -25.07
CA TYR A 336 -8.51 3.92 -23.81
C TYR A 336 -9.14 2.63 -23.26
N ASP A 337 -9.83 1.90 -24.13
CA ASP A 337 -10.46 0.65 -23.73
C ASP A 337 -9.46 -0.40 -23.27
N ALA A 338 -8.26 -0.43 -23.85
CA ALA A 338 -7.26 -1.40 -23.38
C ALA A 338 -6.85 -1.12 -21.94
N CYS A 339 -6.78 0.16 -21.57
CA CYS A 339 -6.48 0.54 -20.19
C CYS A 339 -7.60 0.13 -19.26
N VAL A 340 -8.83 0.35 -19.69
CA VAL A 340 -9.98 0.02 -18.86
C VAL A 340 -10.10 -1.48 -18.70
N LYS A 341 -9.89 -2.24 -19.79
CA LYS A 341 -9.92 -3.70 -19.71
C LYS A 341 -8.84 -4.23 -18.78
N ALA A 342 -7.64 -3.64 -18.82
CA ALA A 342 -6.56 -4.10 -17.95
C ALA A 342 -6.97 -3.89 -16.50
N LEU A 343 -7.62 -2.76 -16.23
CA LEU A 343 -8.16 -2.47 -14.91
C LEU A 343 -9.26 -3.44 -14.51
N VAL A 344 -10.19 -3.74 -15.45
CA VAL A 344 -11.22 -4.72 -15.13
C VAL A 344 -10.58 -6.05 -14.73
N SER A 345 -9.56 -6.49 -15.50
CA SER A 345 -8.90 -7.76 -15.21
C SER A 345 -8.16 -7.71 -13.88
N LEU A 346 -7.56 -6.57 -13.55
CA LEU A 346 -6.91 -6.45 -12.25
C LEU A 346 -7.95 -6.50 -11.13
N ARG A 347 -9.11 -5.89 -11.34
CA ARG A 347 -10.14 -6.01 -10.31
C ARG A 347 -10.70 -7.42 -10.22
N SER A 348 -10.97 -8.03 -11.36
CA SER A 348 -11.45 -9.40 -11.36
C SER A 348 -10.48 -10.33 -10.64
N TYR A 349 -9.17 -10.10 -10.80
CA TYR A 349 -8.18 -10.94 -10.13
C TYR A 349 -8.13 -10.66 -8.65
N HIS A 350 -8.23 -9.38 -8.26
N HIS A 350 -8.20 -9.39 -8.28
CA HIS A 350 -8.31 -9.04 -6.85
CA HIS A 350 -8.35 -8.99 -6.88
C HIS A 350 -9.49 -9.75 -6.19
C HIS A 350 -9.48 -9.77 -6.22
N LEU A 351 -10.63 -9.80 -6.87
CA LEU A 351 -11.77 -10.53 -6.35
C LEU A 351 -11.46 -12.01 -6.18
N GLN A 352 -10.74 -12.59 -7.13
CA GLN A 352 -10.41 -14.00 -6.99
C GLN A 352 -9.47 -14.25 -5.83
N ILE A 353 -8.53 -13.32 -5.59
CA ILE A 353 -7.55 -13.53 -4.53
C ILE A 353 -8.21 -13.39 -3.17
N VAL A 354 -9.08 -12.39 -3.01
CA VAL A 354 -9.86 -12.28 -1.78
C VAL A 354 -10.65 -13.56 -1.53
N THR A 355 -11.27 -14.09 -2.58
CA THR A 355 -11.99 -15.34 -2.43
C THR A 355 -11.08 -16.48 -1.96
N LYS A 356 -9.91 -16.65 -2.60
N LYS A 356 -9.91 -16.63 -2.58
CA LYS A 356 -9.07 -17.81 -2.26
CA LYS A 356 -9.09 -17.80 -2.25
C LYS A 356 -8.36 -17.62 -0.92
C LYS A 356 -8.34 -17.62 -0.93
N TYR A 357 -7.94 -16.40 -0.60
CA TYR A 357 -7.08 -16.15 0.55
C TYR A 357 -7.80 -15.61 1.78
N ILE A 358 -9.06 -15.19 1.67
CA ILE A 358 -9.80 -14.70 2.82
C ILE A 358 -11.13 -15.44 2.94
N LEU A 359 -12.01 -15.28 1.95
CA LEU A 359 -13.37 -15.80 2.07
C LEU A 359 -13.38 -17.32 2.26
N ILE A 360 -12.53 -18.04 1.53
CA ILE A 360 -12.57 -19.50 1.60
C ILE A 360 -11.99 -19.95 2.93
N PRO A 361 -10.75 -19.56 3.28
CA PRO A 361 -10.23 -19.92 4.62
C PRO A 361 -11.23 -19.60 5.73
N ALA A 362 -11.81 -18.39 5.71
CA ALA A 362 -12.79 -18.00 6.71
C ALA A 362 -13.87 -19.07 6.88
N SER A 363 -14.46 -19.52 5.76
CA SER A 363 -15.45 -20.58 5.80
C SER A 363 -14.93 -21.79 6.56
N GLN A 364 -13.79 -22.33 6.13
CA GLN A 364 -13.12 -23.40 6.84
C GLN A 364 -12.73 -22.91 8.23
N GLY A 385 -18.58 -11.10 5.20
CA GLY A 385 -18.16 -11.91 4.07
C GLY A 385 -18.91 -11.62 2.77
N THR A 386 -20.25 -11.71 2.82
CA THR A 386 -21.05 -11.46 1.63
C THR A 386 -20.89 -10.02 1.14
N ASP A 387 -20.79 -9.06 2.06
CA ASP A 387 -20.68 -7.66 1.66
C ASP A 387 -19.36 -7.39 0.93
N LEU A 388 -18.30 -8.11 1.30
CA LEU A 388 -17.02 -7.96 0.62
C LEU A 388 -17.07 -8.51 -0.81
N MET A 389 -17.59 -9.74 -0.98
CA MET A 389 -17.63 -10.33 -2.31
C MET A 389 -18.46 -9.47 -3.28
N ASN A 390 -19.54 -8.85 -2.77
CA ASN A 390 -20.40 -8.06 -3.65
C ASN A 390 -19.85 -6.65 -3.92
N PHE A 391 -19.03 -6.10 -3.01
CA PHE A 391 -18.29 -4.87 -3.32
C PHE A 391 -17.29 -5.11 -4.44
N LEU A 392 -16.52 -6.21 -4.36
CA LEU A 392 -15.53 -6.53 -5.39
C LEU A 392 -16.18 -6.82 -6.74
N LYS A 393 -17.33 -7.51 -6.72
CA LYS A 393 -18.07 -7.74 -7.96
C LYS A 393 -18.57 -6.42 -8.56
N THR A 394 -18.99 -5.49 -7.68
CA THR A 394 -19.60 -4.24 -8.14
C THR A 394 -18.55 -3.29 -8.71
N VAL A 395 -17.39 -3.15 -8.04
CA VAL A 395 -16.34 -2.32 -8.63
C VAL A 395 -15.86 -2.93 -9.94
N ARG A 396 -15.89 -4.27 -10.07
CA ARG A 396 -15.50 -4.88 -11.35
C ARG A 396 -16.48 -4.51 -12.45
N SER A 397 -17.80 -4.60 -12.16
CA SER A 397 -18.82 -4.25 -13.14
C SER A 397 -18.93 -2.74 -13.41
N THR A 398 -18.63 -1.91 -12.40
CA THR A 398 -18.50 -0.48 -12.67
C THR A 398 -17.36 -0.22 -13.66
N THR A 399 -16.21 -0.81 -13.42
CA THR A 399 -15.09 -0.66 -14.33
C THR A 399 -15.49 -1.11 -15.74
N GLU A 400 -16.13 -2.28 -15.85
CA GLU A 400 -16.49 -2.80 -17.17
C GLU A 400 -17.46 -1.86 -17.88
N LYS A 401 -18.38 -1.24 -17.13
CA LYS A 401 -19.34 -0.30 -17.70
C LYS A 401 -18.69 0.99 -18.18
N SER A 402 -17.42 1.21 -17.84
CA SER A 402 -16.70 2.38 -18.34
C SER A 402 -16.13 2.15 -19.73
N LEU A 403 -16.16 0.92 -20.24
CA LEU A 403 -15.70 0.69 -21.59
C LEU A 403 -16.49 1.60 -22.54
N LEU A 404 -15.76 2.36 -23.34
CA LEU A 404 -16.36 3.28 -24.29
C LEU A 404 -16.72 2.52 -25.55
C1 PEG B . -10.55 -3.53 -1.88
O1 PEG B . -10.73 -2.24 -2.41
C2 PEG B . -11.26 -3.85 -0.58
O2 PEG B . -10.48 -4.59 0.39
C3 PEG B . -10.01 -5.88 0.04
C4 PEG B . -9.27 -6.64 1.14
O4 PEG B . -8.30 -5.89 1.90
H11 PEG B . -9.60 -3.70 -1.72
H12 PEG B . -10.84 -4.19 -2.52
HO1 PEG B . -10.62 -1.68 -1.79
H21 PEG B . -12.07 -4.34 -0.80
H22 PEG B . -11.55 -3.00 -0.20
H31 PEG B . -9.41 -5.79 -0.72
H32 PEG B . -10.75 -6.42 -0.26
H41 PEG B . -8.85 -7.39 0.69
H42 PEG B . -9.96 -7.00 1.71
HO4 PEG B . -7.54 -6.03 1.56
C1 PEG C . 12.30 -20.27 19.61
O1 PEG C . 13.05 -19.22 20.19
C2 PEG C . 11.07 -20.51 20.45
O2 PEG C . 10.53 -21.81 20.34
C3 PEG C . 9.30 -21.91 21.02
C4 PEG C . 9.41 -22.67 22.32
O4 PEG C . 8.97 -21.87 23.40
H11 PEG C . 12.81 -21.08 19.55
H12 PEG C . 12.02 -20.04 18.71
HO1 PEG C . 12.54 -18.54 20.28
H21 PEG C . 10.41 -19.85 20.19
H22 PEG C . 11.32 -20.33 21.38
H31 PEG C . 8.65 -22.35 20.45
H32 PEG C . 8.97 -21.02 21.21
H41 PEG C . 10.33 -22.95 22.41
H42 PEG C . 8.88 -23.47 22.22
HO4 PEG C . 9.54 -21.24 23.52
C1 PEG D . -9.37 10.94 18.24
O1 PEG D . -10.45 11.24 17.39
C2 PEG D . -8.14 11.80 18.00
O2 PEG D . -8.22 13.04 18.69
C3 PEG D . -7.49 13.26 19.88
C4 PEG D . -8.40 13.12 21.07
O4 PEG D . -7.73 13.36 22.29
H11 PEG D . -9.11 10.01 18.14
H12 PEG D . -9.64 11.05 19.17
HO1 PEG D . -10.28 11.98 17.01
H21 PEG D . -8.06 11.94 17.04
H22 PEG D . -7.36 11.30 18.27
H31 PEG D . -7.10 14.14 19.88
H32 PEG D . -6.76 12.62 19.96
H41 PEG D . -8.77 12.22 21.04
H42 PEG D . -9.14 13.74 20.93
HO4 PEG D . -7.28 12.67 22.48
C1 PEG E . 3.63 -13.03 26.33
O1 PEG E . 2.57 -12.24 26.89
C2 PEG E . 3.47 -13.46 24.88
O2 PEG E . 2.42 -14.39 24.59
C3 PEG E . 1.66 -14.04 23.45
C4 PEG E . 0.23 -14.50 23.51
O4 PEG E . -0.63 -13.77 22.62
H11 PEG E . 3.73 -13.85 26.85
H12 PEG E . 4.46 -12.55 26.40
HO1 PEG E . 2.86 -11.45 26.97
H21 PEG E . 4.33 -13.81 24.60
H22 PEG E . 3.34 -12.64 24.36
H31 PEG E . 2.08 -14.41 22.66
H32 PEG E . 1.67 -13.07 23.33
H41 PEG E . -0.06 -14.42 24.43
H42 PEG E . 0.23 -15.45 23.30
HO4 PEG E . -1.33 -14.24 22.49
C1 A1JLA F . -0.83 -2.95 7.18
C10 A1JLA F . -4.23 -6.02 -2.99
C11 A1JLA F . -4.81 -8.30 -0.42
C12 A1JLA F . -4.28 -7.15 0.14
C13 A1JLA F . -4.42 -6.91 1.50
C14 A1JLA F . -5.13 -7.79 2.33
C15 A1JLA F . -5.28 -7.50 3.83
C16 A1JLA F . -4.29 -8.39 4.60
C17 A1JLA F . -5.01 -6.02 4.17
C18 A1JLA F . -6.70 -7.88 4.32
C19 A1JLA F . -5.64 -8.95 1.74
C2 A1JLA F . -0.93 -3.32 6.06
C20 A1JLA F . -5.49 -9.25 0.39
C21 A1JLA F . -6.08 -10.52 -0.19
C22 A1JLA F . -2.21 -7.45 -2.97
C23 A1JLA F . -1.92 -6.19 -3.82
C24 A1JLA F . -1.63 -6.60 -5.25
C25 A1JLA F . -2.39 -5.79 -6.29
C26 A1JLA F . -3.91 -5.76 -5.94
C27 A1JLA F . -3.53 -4.61 -4.96
C28 A1JLA F . -2.37 -4.28 -5.96
C29 A1JLA F . -2.81 -3.42 -7.14
C3 A1JLA F . -1.14 -3.68 4.68
C30 A1JLA F . -1.02 -3.75 -5.49
C31 A1JLA F . -2.24 -3.25 2.57
C32 A1JLA F . -2.01 -2.93 3.88
C4 A1JLA F . -0.52 -4.80 4.12
C5 A1JLA F . -0.76 -5.15 2.81
C6 A1JLA F . -1.61 -4.37 2.02
C7 A1JLA F . -2.33 -4.02 -0.33
C8 A1JLA F . -2.70 -4.08 -2.67
C9 A1JLA F . -3.09 -5.20 -3.62
N1 A1JLA F . -1.81 -4.75 0.68
N2 A1JLA F . -3.64 -7.32 -2.58
O1 A1JLA F . -2.84 -2.93 -0.24
O2 A1JLA F . -2.17 -4.71 -1.48
O3 A1JLA F . -3.76 -9.76 -2.31
O4 A1JLA F . -5.81 -8.48 -2.81
O5 A1JLA F . -7.73 -7.26 3.95
O6 A1JLA F . -6.84 -8.85 5.09
S1 A1JLA F . -4.56 -8.59 -2.13
H1 A1JLA F . -0.70 -2.65 8.06
H7 A1JLA F . -4.60 -5.55 -2.21
H8 A1JLA F . -4.95 -6.17 -3.65
H9 A1JLA F . -3.82 -6.53 -0.39
H10 A1JLA F . -4.02 -6.15 1.88
H13 A1JLA F . -4.40 -9.33 4.36
H11 A1JLA F . -4.42 -8.30 5.57
H12 A1JLA F . -3.37 -8.13 4.40
H15 A1JLA F . -4.06 -5.81 4.00
H16 A1JLA F . -5.19 -5.85 5.11
H14 A1JLA F . -5.56 -5.44 3.63
H17 A1JLA F . -6.10 -9.57 2.29
H18 A1JLA F . -6.69 -10.30 -0.92
H19 A1JLA F . -6.57 -11.00 0.50
H20 A1JLA F . -5.37 -11.10 -0.53
H21 A1JLA F . -2.08 -8.27 -3.51
H22 A1JLA F . -1.63 -7.48 -2.18
H23 A1JLA F . -1.18 -5.67 -3.43
H25 A1JLA F . -0.68 -6.51 -5.43
H24 A1JLA F . -1.86 -7.56 -5.37
H26 A1JLA F . -2.18 -6.04 -7.24
H28 A1JLA F . -4.24 -6.58 -5.51
H27 A1JLA F . -4.49 -5.49 -6.70
H29 A1JLA F . -4.17 -3.85 -4.88
H30 A1JLA F . -2.28 -3.66 -7.92
H31 A1JLA F . -2.67 -2.48 -6.93
H32 A1JLA F . -3.75 -3.58 -7.32
H35 A1JLA F . -0.70 -4.28 -4.74
H33 A1JLA F . -1.11 -2.82 -5.22
H34 A1JLA F . -0.38 -3.82 -6.22
H36 A1JLA F . -2.81 -2.73 2.05
H37 A1JLA F . -2.44 -2.18 4.26
H2 A1JLA F . 0.06 -5.33 4.66
H3 A1JLA F . -0.34 -5.90 2.44
H6 A1JLA F . -3.49 -3.53 -2.46
H5 A1JLA F . -2.04 -3.49 -3.09
H4 A1JLA F . -1.56 -5.56 0.47
#